data_8Y59
#
_entry.id   8Y59
#
_cell.length_a   100.908
_cell.length_b   100.908
_cell.length_c   49.955
_cell.angle_alpha   90.00
_cell.angle_beta   90.00
_cell.angle_gamma   90.00
#
_symmetry.space_group_name_H-M   'P 41 21 2'
#
loop_
_entity.id
_entity.type
_entity.pdbx_description
1 polymer 'E3 ubiquitin-protein ligase TRIM21'
2 non-polymer (1~{S})-1-[10-[3-(dimethylamino)propyl]phenothiazin-2-yl]ethanol
3 water water
#
_entity_poly.entity_id   1
_entity_poly.type   'polypeptide(L)'
_entity_poly.pdbx_seq_one_letter_code
;GPMVHITLDPDTANPWLILSEDRRQVRLGDTQQSIPGNEERFDSYPMVLGAQHFHSGKHYWEVDVTGKEAWALGVCRDSV
RRKGHFLLSSKSGFWTIWLWNKQKYEAGTYPQTPLHLQVPPCQVGIFLDYEAGMVSFYNITDHGSLIYSFSECAFTGPLR
PFFSPGFNDGGKNTAPLTLCPLNIGSQGSTDY
;
_entity_poly.pdbx_strand_id   A
#
# COMPACT_ATOMS: atom_id res chain seq x y z
N GLY A 1 3.81 21.10 6.23
CA GLY A 1 2.61 20.31 6.47
C GLY A 1 2.84 18.84 6.21
N PRO A 2 1.83 18.00 6.50
CA PRO A 2 2.03 16.56 6.38
C PRO A 2 1.90 16.03 4.97
N MET A 3 1.23 16.76 4.06
CA MET A 3 1.04 16.20 2.72
C MET A 3 2.38 15.96 2.07
N VAL A 4 2.51 14.84 1.37
CA VAL A 4 3.82 14.50 0.82
C VAL A 4 3.62 13.94 -0.59
N HIS A 5 4.47 14.38 -1.52
CA HIS A 5 4.47 13.89 -2.90
C HIS A 5 5.16 12.54 -2.95
N ILE A 6 4.38 11.50 -3.08
CA ILE A 6 4.91 10.13 -3.11
C ILE A 6 5.32 9.79 -4.54
N THR A 7 6.43 9.10 -4.69
CA THR A 7 6.78 8.48 -5.97
C THR A 7 7.18 7.04 -5.70
N LEU A 8 7.01 6.20 -6.73
CA LEU A 8 7.23 4.77 -6.51
C LEU A 8 8.70 4.42 -6.75
N ASP A 9 9.23 3.48 -5.96
CA ASP A 9 10.64 3.05 -6.01
C ASP A 9 10.78 1.88 -6.98
N PRO A 10 11.28 2.10 -8.19
CA PRO A 10 11.28 1.01 -9.19
C PRO A 10 12.11 -0.19 -8.77
N ASP A 11 13.14 0.01 -7.94
CA ASP A 11 13.96 -1.11 -7.50
C ASP A 11 13.22 -2.12 -6.60
N THR A 12 12.08 -1.77 -6.01
CA THR A 12 11.34 -2.68 -5.16
C THR A 12 10.24 -3.40 -5.92
N ALA A 13 9.92 -2.98 -7.14
CA ALA A 13 8.69 -3.43 -7.77
C ALA A 13 8.82 -4.87 -8.27
N ASN A 14 7.88 -5.71 -7.83
CA ASN A 14 7.77 -7.07 -8.33
C ASN A 14 7.62 -7.08 -9.86
N PRO A 15 8.18 -8.08 -10.53
CA PRO A 15 8.14 -8.09 -12.01
C PRO A 15 6.73 -8.18 -12.60
N TRP A 16 5.70 -8.46 -11.80
CA TRP A 16 4.35 -8.49 -12.38
C TRP A 16 3.71 -7.10 -12.40
N LEU A 17 4.43 -6.06 -12.01
CA LEU A 17 3.90 -4.71 -11.95
C LEU A 17 4.38 -3.91 -13.15
N ILE A 18 3.54 -2.98 -13.60
CA ILE A 18 3.90 -1.98 -14.60
C ILE A 18 3.76 -0.63 -13.93
N LEU A 19 4.85 0.16 -13.92
CA LEU A 19 4.91 1.49 -13.31
C LEU A 19 4.81 2.54 -14.42
N SER A 20 4.06 3.62 -14.17
CA SER A 20 4.00 4.68 -15.17
C SER A 20 5.35 5.38 -15.28
N GLU A 21 5.54 6.14 -16.37
CA GLU A 21 6.84 6.81 -16.50
C GLU A 21 7.06 7.80 -15.36
N ASP A 22 5.99 8.41 -14.83
CA ASP A 22 6.18 9.39 -13.77
C ASP A 22 6.21 8.74 -12.40
N ARG A 23 6.07 7.41 -12.37
CA ARG A 23 6.15 6.61 -11.16
CA ARG A 23 6.17 6.63 -11.15
C ARG A 23 5.12 7.06 -10.13
N ARG A 24 3.98 7.58 -10.61
CA ARG A 24 2.85 7.93 -9.76
C ARG A 24 1.68 6.94 -9.91
N GLN A 25 1.82 5.91 -10.76
CA GLN A 25 0.77 4.91 -10.97
C GLN A 25 1.41 3.53 -11.06
N VAL A 26 0.63 2.50 -10.70
CA VAL A 26 1.14 1.14 -10.83
C VAL A 26 -0.05 0.22 -11.06
N ARG A 27 0.14 -0.78 -11.92
CA ARG A 27 -0.90 -1.72 -12.27
C ARG A 27 -0.27 -3.08 -12.48
N LEU A 28 -1.13 -4.10 -12.46
CA LEU A 28 -0.76 -5.48 -12.74
C LEU A 28 -0.53 -5.67 -14.23
N GLY A 29 0.56 -6.34 -14.59
CA GLY A 29 0.77 -6.69 -15.97
C GLY A 29 0.23 -8.10 -16.29
N ASP A 30 0.12 -8.38 -17.59
CA ASP A 30 -0.36 -9.68 -18.05
C ASP A 30 0.71 -10.74 -17.99
N THR A 31 1.99 -10.34 -17.95
CA THR A 31 3.10 -11.28 -17.90
C THR A 31 4.19 -10.68 -17.05
N GLN A 32 5.13 -11.53 -16.63
CA GLN A 32 6.25 -11.10 -15.80
C GLN A 32 7.26 -10.29 -16.61
N GLN A 33 7.71 -9.13 -16.10
CA GLN A 33 8.80 -8.42 -16.77
C GLN A 33 10.16 -9.07 -16.47
N SER A 34 11.10 -8.98 -17.43
CA SER A 34 12.48 -9.43 -17.20
C SER A 34 13.33 -8.30 -16.64
N ILE A 35 13.56 -8.32 -15.32
CA ILE A 35 14.33 -7.27 -14.64
C ILE A 35 15.25 -7.87 -13.57
N PRO A 36 16.13 -7.09 -12.95
CA PRO A 36 17.15 -7.69 -12.09
C PRO A 36 16.58 -8.28 -10.80
N GLY A 37 17.34 -9.20 -10.22
CA GLY A 37 16.89 -9.81 -8.97
C GLY A 37 17.60 -9.17 -7.78
N ASN A 38 17.70 -7.84 -7.82
CA ASN A 38 18.37 -7.10 -6.76
C ASN A 38 17.67 -7.34 -5.41
N GLU A 39 18.41 -7.10 -4.32
CA GLU A 39 17.91 -7.51 -3.01
C GLU A 39 16.65 -6.76 -2.60
N GLU A 40 16.44 -5.55 -3.12
CA GLU A 40 15.30 -4.73 -2.66
C GLU A 40 13.95 -5.20 -3.22
N ARG A 41 13.96 -5.97 -4.30
CA ARG A 41 12.77 -6.26 -5.07
C ARG A 41 11.92 -7.34 -4.40
N PHE A 42 10.62 -7.07 -4.26
CA PHE A 42 9.68 -8.08 -3.77
C PHE A 42 9.57 -9.18 -4.81
N ASP A 43 9.85 -10.44 -4.45
CA ASP A 43 9.85 -11.44 -5.51
C ASP A 43 8.61 -12.31 -5.57
N SER A 44 7.70 -12.30 -4.57
CA SER A 44 6.63 -13.32 -4.47
C SER A 44 5.20 -12.78 -4.61
N TYR A 45 4.99 -11.47 -4.53
CA TYR A 45 3.71 -10.80 -4.68
C TYR A 45 3.86 -9.52 -5.48
N PRO A 46 2.77 -9.04 -6.08
CA PRO A 46 2.87 -7.76 -6.83
C PRO A 46 2.84 -6.56 -5.90
N MET A 47 3.98 -6.27 -5.28
CA MET A 47 4.08 -5.12 -4.37
C MET A 47 5.20 -4.19 -4.78
N VAL A 48 5.08 -2.95 -4.30
CA VAL A 48 6.06 -1.93 -4.60
C VAL A 48 6.00 -0.91 -3.44
N LEU A 49 7.15 -0.33 -3.12
CA LEU A 49 7.22 0.68 -2.07
C LEU A 49 7.36 2.08 -2.69
N GLY A 50 6.88 3.09 -1.95
CA GLY A 50 7.26 4.47 -2.27
C GLY A 50 8.72 4.74 -2.01
N ALA A 51 9.29 5.70 -2.76
CA ALA A 51 10.72 6.01 -2.64
C ALA A 51 11.01 6.67 -1.31
N GLN A 52 10.01 7.35 -0.76
CA GLN A 52 10.18 8.20 0.41
C GLN A 52 10.42 7.35 1.66
N HIS A 53 11.26 7.85 2.54
CA HIS A 53 11.57 7.22 3.82
C HIS A 53 11.07 8.14 4.93
N PHE A 54 10.39 7.56 5.93
CA PHE A 54 9.93 8.34 7.09
C PHE A 54 10.67 7.89 8.33
N HIS A 55 11.35 8.83 8.98
CA HIS A 55 12.02 8.59 10.24
C HIS A 55 11.29 9.19 11.44
N SER A 56 10.33 10.07 11.21
CA SER A 56 9.75 10.88 12.28
C SER A 56 8.66 11.73 11.63
N GLY A 57 7.83 12.34 12.46
CA GLY A 57 6.89 13.33 11.97
C GLY A 57 5.61 12.75 11.39
N LYS A 58 4.78 13.65 10.86
CA LYS A 58 3.46 13.31 10.33
C LYS A 58 3.45 13.42 8.81
N HIS A 59 2.76 12.48 8.16
CA HIS A 59 2.81 12.37 6.70
C HIS A 59 1.47 11.86 6.20
N TYR A 60 1.03 12.37 5.06
CA TYR A 60 -0.27 12.06 4.51
C TYR A 60 -0.21 12.00 2.99
N TRP A 61 -0.93 11.04 2.39
CA TRP A 61 -1.06 10.95 0.94
C TRP A 61 -2.34 10.17 0.60
N GLU A 62 -2.79 10.33 -0.64
CA GLU A 62 -4.05 9.73 -1.08
C GLU A 62 -3.81 8.89 -2.33
N VAL A 63 -4.61 7.83 -2.50
CA VAL A 63 -4.49 6.86 -3.59
C VAL A 63 -5.87 6.62 -4.20
N ASP A 64 -5.93 6.66 -5.52
CA ASP A 64 -7.18 6.35 -6.19
C ASP A 64 -7.22 4.85 -6.48
N VAL A 65 -8.35 4.23 -6.09
CA VAL A 65 -8.53 2.78 -6.22
C VAL A 65 -9.76 2.45 -7.06
N THR A 66 -10.21 3.40 -7.87
CA THR A 66 -11.55 3.32 -8.45
C THR A 66 -11.74 2.04 -9.24
N GLY A 67 -12.84 1.35 -8.95
CA GLY A 67 -13.22 0.18 -9.71
C GLY A 67 -12.26 -0.98 -9.68
N LYS A 68 -11.44 -1.11 -8.65
CA LYS A 68 -10.56 -2.28 -8.56
C LYS A 68 -11.18 -3.32 -7.64
N GLU A 69 -11.08 -4.58 -8.03
CA GLU A 69 -11.61 -5.62 -7.16
C GLU A 69 -10.64 -6.01 -6.04
N ALA A 70 -9.37 -5.59 -6.11
CA ALA A 70 -8.42 -5.92 -5.05
C ALA A 70 -7.28 -4.92 -5.04
N TRP A 71 -6.68 -4.73 -3.87
CA TRP A 71 -5.57 -3.81 -3.66
C TRP A 71 -5.20 -3.86 -2.18
N ALA A 72 -3.95 -3.47 -1.88
CA ALA A 72 -3.52 -3.31 -0.50
C ALA A 72 -2.69 -2.04 -0.40
N LEU A 73 -2.81 -1.36 0.75
CA LEU A 73 -2.27 -0.02 0.91
C LEU A 73 -1.81 0.14 2.36
N GLY A 74 -0.73 0.89 2.57
CA GLY A 74 -0.36 1.35 3.91
C GLY A 74 1.10 1.76 4.03
N VAL A 75 1.75 1.33 5.10
CA VAL A 75 3.17 1.60 5.33
C VAL A 75 3.80 0.31 5.87
N CYS A 76 5.11 0.19 5.66
CA CYS A 76 5.87 -0.91 6.25
C CYS A 76 7.25 -0.44 6.69
N ARG A 77 7.89 -1.25 7.54
CA ARG A 77 9.30 -1.06 7.85
C ARG A 77 10.12 -1.18 6.59
N ASP A 78 11.14 -0.32 6.46
CA ASP A 78 12.09 -0.55 5.38
C ASP A 78 12.74 -1.91 5.54
N SER A 79 12.89 -2.38 6.77
CA SER A 79 13.58 -3.62 7.05
C SER A 79 12.75 -4.88 6.74
N VAL A 80 11.52 -4.77 6.23
CA VAL A 80 10.76 -6.00 6.01
C VAL A 80 11.45 -6.84 4.95
N ARG A 81 11.34 -8.17 5.12
CA ARG A 81 11.91 -9.14 4.18
C ARG A 81 11.33 -8.91 2.79
N ARG A 82 12.17 -9.01 1.75
CA ARG A 82 11.66 -8.79 0.39
C ARG A 82 11.50 -10.10 -0.40
N LYS A 83 12.25 -11.14 -0.06
CA LYS A 83 12.23 -12.41 -0.76
C LYS A 83 11.36 -13.43 -0.03
N GLY A 84 10.53 -14.14 -0.80
CA GLY A 84 9.76 -15.22 -0.26
C GLY A 84 8.37 -14.82 0.20
N HIS A 85 7.69 -15.81 0.76
CA HIS A 85 6.31 -15.64 1.17
C HIS A 85 6.26 -15.13 2.60
N PHE A 86 5.21 -14.39 2.91
CA PHE A 86 5.05 -13.85 4.27
C PHE A 86 3.58 -13.44 4.49
N LEU A 87 3.28 -13.03 5.72
CA LEU A 87 1.95 -12.55 6.10
C LEU A 87 1.95 -11.03 6.12
N LEU A 88 1.02 -10.40 5.37
CA LEU A 88 0.83 -8.96 5.47
C LEU A 88 0.18 -8.67 6.80
N SER A 89 0.97 -8.31 7.81
CA SER A 89 0.49 -8.30 9.18
C SER A 89 1.29 -7.30 10.00
N SER A 90 0.62 -6.62 10.93
CA SER A 90 1.34 -5.71 11.82
C SER A 90 2.41 -6.43 12.60
N LYS A 91 2.20 -7.72 12.90
CA LYS A 91 3.27 -8.50 13.52
C LYS A 91 4.51 -8.64 12.64
N SER A 92 4.36 -8.51 11.31
CA SER A 92 5.47 -8.71 10.39
C SER A 92 6.08 -7.40 9.89
N GLY A 93 5.70 -6.25 10.43
CA GLY A 93 6.25 -4.99 9.93
C GLY A 93 5.43 -4.26 8.88
N PHE A 94 4.16 -4.62 8.70
CA PHE A 94 3.27 -4.00 7.74
C PHE A 94 2.05 -3.46 8.46
N TRP A 95 1.66 -2.22 8.16
CA TRP A 95 0.43 -1.63 8.71
C TRP A 95 -0.41 -1.29 7.50
N THR A 96 -1.33 -2.19 7.13
CA THR A 96 -2.02 -2.12 5.87
C THR A 96 -3.51 -2.47 6.03
N ILE A 97 -4.28 -2.03 5.04
CA ILE A 97 -5.64 -2.50 4.82
C ILE A 97 -5.69 -2.98 3.37
N TRP A 98 -6.73 -3.78 3.05
CA TRP A 98 -6.79 -4.28 1.69
C TRP A 98 -8.25 -4.58 1.37
N LEU A 99 -8.50 -4.64 0.08
CA LEU A 99 -9.75 -5.14 -0.48
C LEU A 99 -9.39 -6.36 -1.31
N TRP A 100 -10.22 -7.40 -1.23
CA TRP A 100 -10.14 -8.52 -2.17
C TRP A 100 -11.56 -9.03 -2.43
N ASN A 101 -11.70 -9.81 -3.51
CA ASN A 101 -12.98 -10.42 -3.83
C ASN A 101 -14.08 -9.39 -4.06
N LYS A 102 -13.69 -8.19 -4.51
CA LYS A 102 -14.60 -7.09 -4.89
C LYS A 102 -15.20 -6.34 -3.71
N GLN A 103 -15.54 -7.02 -2.61
CA GLN A 103 -16.21 -6.35 -1.50
C GLN A 103 -15.73 -6.76 -0.11
N LYS A 104 -14.65 -7.55 0.01
CA LYS A 104 -14.11 -7.94 1.32
C LYS A 104 -13.00 -6.95 1.66
N TYR A 105 -13.30 -5.98 2.56
CA TYR A 105 -12.30 -5.06 3.12
C TYR A 105 -11.83 -5.59 4.47
N GLU A 106 -10.51 -5.64 4.67
CA GLU A 106 -9.91 -6.10 5.90
C GLU A 106 -8.74 -5.23 6.31
N ALA A 107 -8.49 -5.17 7.62
CA ALA A 107 -7.27 -4.55 8.15
C ALA A 107 -6.27 -5.64 8.53
N GLY A 108 -5.01 -5.39 8.22
CA GLY A 108 -3.95 -6.37 8.41
C GLY A 108 -3.39 -6.44 9.81
N THR A 109 -4.28 -6.46 10.80
CA THR A 109 -3.92 -7.02 12.09
C THR A 109 -3.73 -8.53 11.94
N TYR A 110 -3.19 -9.17 12.96
CA TYR A 110 -3.14 -10.62 13.00
C TYR A 110 -3.60 -11.06 14.38
N PRO A 111 -4.79 -11.64 14.51
CA PRO A 111 -5.60 -12.04 13.34
C PRO A 111 -6.14 -10.84 12.55
N GLN A 112 -6.51 -11.05 11.30
CA GLN A 112 -7.06 -9.96 10.45
C GLN A 112 -8.38 -9.45 11.00
N THR A 113 -8.66 -8.15 10.81
CA THR A 113 -9.91 -7.54 11.27
C THR A 113 -10.83 -7.28 10.07
N PRO A 114 -12.02 -7.85 10.01
CA PRO A 114 -12.96 -7.51 8.95
C PRO A 114 -13.46 -6.07 9.08
N LEU A 115 -13.57 -5.39 7.94
CA LEU A 115 -13.99 -3.99 7.89
C LEU A 115 -15.34 -3.91 7.20
N HIS A 116 -16.22 -3.04 7.69
CA HIS A 116 -17.56 -2.89 7.14
C HIS A 116 -17.71 -1.45 6.67
N LEU A 117 -17.56 -1.23 5.38
CA LEU A 117 -17.58 0.11 4.80
C LEU A 117 -18.94 0.34 4.19
N GLN A 118 -19.71 1.30 4.69
CA GLN A 118 -21.04 1.59 4.10
C GLN A 118 -20.89 2.19 2.72
N VAL A 119 -19.79 2.89 2.46
CA VAL A 119 -19.54 3.58 1.20
C VAL A 119 -18.22 3.09 0.62
N PRO A 120 -18.22 2.23 -0.39
CA PRO A 120 -16.96 1.73 -0.95
C PRO A 120 -16.05 2.88 -1.33
N PRO A 121 -14.80 2.89 -0.87
CA PRO A 121 -13.90 4.01 -1.20
C PRO A 121 -13.44 3.96 -2.66
N CYS A 122 -13.55 5.10 -3.34
CA CYS A 122 -12.86 5.36 -4.60
C CYS A 122 -11.47 5.97 -4.40
N GLN A 123 -11.24 6.68 -3.31
CA GLN A 123 -9.95 7.22 -2.94
C GLN A 123 -9.74 6.99 -1.46
N VAL A 124 -8.52 6.64 -1.08
CA VAL A 124 -8.16 6.35 0.30
C VAL A 124 -7.05 7.29 0.74
N GLY A 125 -7.14 7.82 1.96
CA GLY A 125 -6.08 8.65 2.54
C GLY A 125 -5.35 7.86 3.61
N ILE A 126 -4.03 7.98 3.62
CA ILE A 126 -3.19 7.28 4.59
C ILE A 126 -2.48 8.35 5.40
N PHE A 127 -2.65 8.30 6.72
CA PHE A 127 -1.99 9.24 7.64
C PHE A 127 -1.02 8.50 8.56
N LEU A 128 0.25 8.87 8.51
CA LEU A 128 1.26 8.30 9.40
C LEU A 128 1.66 9.33 10.44
N ASP A 129 1.59 8.96 11.73
CA ASP A 129 2.16 9.76 12.82
C ASP A 129 3.23 8.91 13.50
N TYR A 130 4.50 9.14 13.15
CA TYR A 130 5.60 8.31 13.62
C TYR A 130 5.67 8.32 15.14
N GLU A 131 5.80 9.52 15.74
CA GLU A 131 5.95 9.63 17.18
C GLU A 131 4.75 9.04 17.92
N ALA A 132 3.54 9.28 17.43
CA ALA A 132 2.35 8.75 18.10
C ALA A 132 2.17 7.26 17.85
N GLY A 133 2.94 6.67 16.95
CA GLY A 133 2.80 5.27 16.64
C GLY A 133 1.48 4.92 16.00
N MET A 134 1.01 5.74 15.06
CA MET A 134 -0.32 5.61 14.46
C MET A 134 -0.25 5.56 12.96
N VAL A 135 -1.03 4.68 12.34
CA VAL A 135 -1.29 4.67 10.90
C VAL A 135 -2.79 4.61 10.70
N SER A 136 -3.36 5.62 10.05
CA SER A 136 -4.81 5.70 9.94
C SER A 136 -5.20 5.82 8.48
N PHE A 137 -6.36 5.26 8.13
CA PHE A 137 -6.82 5.18 6.75
C PHE A 137 -8.19 5.82 6.68
N TYR A 138 -8.37 6.70 5.69
CA TYR A 138 -9.58 7.50 5.58
C TYR A 138 -10.26 7.25 4.25
N ASN A 139 -11.59 7.19 4.30
CA ASN A 139 -12.47 7.01 3.14
C ASN A 139 -12.75 8.40 2.54
N ILE A 140 -12.03 8.78 1.49
CA ILE A 140 -12.19 10.12 0.95
C ILE A 140 -13.56 10.28 0.32
N THR A 141 -14.05 9.22 -0.30
CA THR A 141 -15.38 9.26 -0.90
C THR A 141 -16.44 9.57 0.15
N ASP A 142 -16.31 8.98 1.34
CA ASP A 142 -17.24 9.21 2.45
C ASP A 142 -16.82 10.39 3.35
N HIS A 143 -16.43 11.50 2.74
CA HIS A 143 -16.07 12.75 3.45
C HIS A 143 -14.99 12.57 4.50
N GLY A 144 -14.10 11.61 4.29
CA GLY A 144 -12.97 11.44 5.18
C GLY A 144 -13.30 10.67 6.45
N SER A 145 -14.31 9.80 6.41
CA SER A 145 -14.57 8.96 7.57
C SER A 145 -13.43 7.96 7.77
N LEU A 146 -13.25 7.53 9.02
CA LEU A 146 -12.16 6.63 9.38
C LEU A 146 -12.49 5.22 8.96
N ILE A 147 -11.61 4.60 8.19
CA ILE A 147 -11.75 3.19 7.82
C ILE A 147 -11.17 2.32 8.91
N TYR A 148 -9.94 2.62 9.33
CA TYR A 148 -9.27 1.84 10.35
C TYR A 148 -8.06 2.63 10.80
N SER A 149 -7.69 2.47 12.08
CA SER A 149 -6.47 3.08 12.59
C SER A 149 -5.70 2.05 13.41
N PHE A 150 -4.42 1.88 13.09
CA PHE A 150 -3.49 1.12 13.92
C PHE A 150 -2.89 2.09 14.94
N SER A 151 -2.92 1.72 16.21
CA SER A 151 -2.25 2.51 17.22
C SER A 151 -1.26 1.63 17.98
N GLU A 152 -0.45 2.25 18.82
CA GLU A 152 0.57 1.53 19.57
C GLU A 152 1.53 0.78 18.65
N CYS A 153 1.83 1.34 17.46
CA CYS A 153 2.88 0.77 16.62
C CYS A 153 4.24 1.15 17.19
N ALA A 154 5.17 0.22 17.18
CA ALA A 154 6.42 0.44 17.92
C ALA A 154 7.55 0.72 16.93
N PHE A 155 7.48 1.88 16.29
CA PHE A 155 8.39 2.16 15.17
C PHE A 155 9.83 2.34 15.67
N THR A 156 10.78 1.71 14.96
CA THR A 156 12.19 1.74 15.33
C THR A 156 13.14 2.18 14.22
N GLY A 157 12.76 2.13 12.95
CA GLY A 157 13.61 2.64 11.89
C GLY A 157 12.79 3.35 10.85
N PRO A 158 13.39 3.59 9.68
CA PRO A 158 12.66 4.28 8.61
C PRO A 158 11.47 3.44 8.15
N LEU A 159 10.37 4.11 7.83
CA LEU A 159 9.20 3.48 7.27
C LEU A 159 9.08 3.86 5.80
N ARG A 160 8.31 3.06 5.06
CA ARG A 160 8.13 3.29 3.64
C ARG A 160 6.65 3.22 3.29
N PRO A 161 6.19 4.01 2.31
CA PRO A 161 4.85 3.75 1.76
C PRO A 161 4.80 2.38 1.08
N PHE A 162 3.66 1.71 1.17
CA PHE A 162 3.49 0.34 0.64
C PHE A 162 2.26 0.31 -0.26
N PHE A 163 2.37 -0.41 -1.39
CA PHE A 163 1.32 -0.48 -2.40
C PHE A 163 1.30 -1.86 -3.06
N SER A 164 0.09 -2.38 -3.30
CA SER A 164 -0.15 -3.53 -4.21
C SER A 164 -1.42 -3.23 -5.01
N PRO A 165 -1.36 -3.27 -6.34
CA PRO A 165 -2.59 -3.12 -7.14
C PRO A 165 -3.40 -4.40 -7.27
N GLY A 166 -3.00 -5.46 -6.58
CA GLY A 166 -3.73 -6.72 -6.57
C GLY A 166 -2.79 -7.91 -6.56
N PHE A 167 -3.35 -9.12 -6.66
CA PHE A 167 -2.54 -10.31 -6.81
C PHE A 167 -2.80 -10.89 -8.20
N ASN A 168 -1.98 -11.87 -8.60
CA ASN A 168 -2.12 -12.44 -9.94
C ASN A 168 -3.26 -13.43 -9.99
N ASP A 169 -4.20 -13.21 -10.94
CA ASP A 169 -5.51 -13.88 -10.98
C ASP A 169 -6.01 -14.10 -12.40
N GLY A 170 -5.23 -13.80 -13.43
CA GLY A 170 -5.64 -14.01 -14.81
C GLY A 170 -5.96 -12.75 -15.59
N GLY A 171 -5.75 -11.55 -15.01
CA GLY A 171 -5.89 -10.26 -15.70
C GLY A 171 -7.28 -9.63 -15.76
N LYS A 172 -8.03 -9.71 -14.66
CA LYS A 172 -9.32 -9.01 -14.50
C LYS A 172 -9.17 -7.63 -13.83
N ASN A 173 -8.20 -7.52 -12.94
CA ASN A 173 -7.97 -6.36 -12.06
C ASN A 173 -6.82 -5.51 -12.58
N THR A 174 -6.99 -5.01 -13.82
CA THR A 174 -5.93 -4.33 -14.56
C THR A 174 -5.83 -2.82 -14.29
N ALA A 175 -6.83 -2.21 -13.64
CA ALA A 175 -6.80 -0.77 -13.49
C ALA A 175 -5.70 -0.36 -12.51
N PRO A 176 -5.15 0.84 -12.66
CA PRO A 176 -4.01 1.24 -11.83
C PRO A 176 -4.44 1.76 -10.47
N LEU A 177 -3.48 1.68 -9.54
CA LEU A 177 -3.47 2.53 -8.36
C LEU A 177 -2.86 3.84 -8.81
N THR A 178 -3.45 4.97 -8.40
CA THR A 178 -2.94 6.26 -8.85
C THR A 178 -2.74 7.16 -7.65
N LEU A 179 -1.52 7.70 -7.47
CA LEU A 179 -1.33 8.66 -6.40
C LEU A 179 -2.02 9.95 -6.78
N CYS A 180 -2.83 10.51 -5.85
CA CYS A 180 -3.63 11.68 -6.23
C CYS A 180 -2.81 12.96 -6.07
N PRO A 181 -2.97 13.93 -6.98
CA PRO A 181 -2.41 15.27 -6.72
C PRO A 181 -3.02 15.84 -5.46
N LEU A 182 -2.18 16.41 -4.60
CA LEU A 182 -2.66 16.89 -3.30
C LEU A 182 -2.56 18.42 -3.27
#